data_3O7B
#
_entry.id   3O7B
#
_cell.length_a   70.083
_cell.length_b   70.083
_cell.length_c   95.190
_cell.angle_alpha   90.00
_cell.angle_beta   90.00
_cell.angle_gamma   120.00
#
_symmetry.space_group_name_H-M   'P 31 2 1'
#
loop_
_entity.id
_entity.type
_entity.pdbx_description
1 polymer 'Ribosome biogenesis Nep1 RNA methyltransferase'
2 non-polymer TYROSINE
3 non-polymer S-ADENOSYL-L-HOMOCYSTEINE
4 water water
#
_entity_poly.entity_id   1
_entity_poly.type   'polypeptide(L)'
_entity_poly.pdbx_seq_one_letter_code
;HHHHHHRSDITSLYKKVGENLYFQGMGSAFVFLEASLELIPQKIRGHPAVRADAIRRGKRPEKILLDDSKHHTAMKSLEF
REKRGRPDIVHQCLLLLLDSPLRDFEVYVHTLNGEIIWVNRETRLPRNYNRFVGLMEKLFEERRITAGDTTLIEFKDVGL
RDIVRGRDVLLFREKGGRFEFSELLDGDVAVCIGAFPHGDFFEETLRELGEFKEVSLGTESYTSLYVTSRVLCEYERVRA
HKVG
;
_entity_poly.pdbx_strand_id   A
#
loop_
_chem_comp.id
_chem_comp.type
_chem_comp.name
_chem_comp.formula
SAH non-polymer S-ADENOSYL-L-HOMOCYSTEINE 'C14 H20 N6 O5 S'
#
# COMPACT_ATOMS: atom_id res chain seq x y z
N MET A 26 -22.43 -1.11 -0.45
CA MET A 26 -21.33 -0.96 -1.46
C MET A 26 -19.98 -1.47 -0.92
N GLY A 27 -20.09 -2.24 0.16
CA GLY A 27 -19.03 -3.09 0.64
C GLY A 27 -17.93 -2.42 1.44
N SER A 28 -17.18 -3.24 2.14
CA SER A 28 -15.99 -2.80 2.85
C SER A 28 -14.76 -2.76 1.94
N ALA A 29 -13.73 -2.09 2.42
CA ALA A 29 -12.47 -2.02 1.73
C ALA A 29 -11.32 -2.02 2.72
N PHE A 30 -10.17 -2.52 2.29
CA PHE A 30 -8.92 -2.32 2.97
C PHE A 30 -8.07 -1.39 2.14
N VAL A 31 -7.48 -0.38 2.79
CA VAL A 31 -6.66 0.59 2.12
C VAL A 31 -5.31 0.66 2.79
N PHE A 32 -4.25 0.35 2.04
CA PHE A 32 -2.90 0.55 2.54
C PHE A 32 -2.47 1.94 2.22
N LEU A 33 -2.07 2.66 3.26
CA LEU A 33 -1.77 4.10 3.15
C LEU A 33 -0.30 4.40 3.03
N GLU A 34 0.02 5.37 2.18
CA GLU A 34 1.39 5.85 2.01
C GLU A 34 2.34 4.67 1.73
N ALA A 35 1.89 3.76 0.87
CA ALA A 35 2.74 2.61 0.54
C ALA A 35 4.00 3.07 -0.14
N SER A 36 5.10 2.43 0.24
CA SER A 36 6.43 2.81 -0.16
C SER A 36 6.73 2.21 -1.54
N LEU A 37 6.02 2.74 -2.54
CA LEU A 37 5.96 2.17 -3.87
C LEU A 37 6.06 3.30 -4.87
N GLU A 38 7.21 3.40 -5.52
CA GLU A 38 7.48 4.43 -6.53
C GLU A 38 8.64 4.02 -7.42
N LEU A 39 8.67 4.60 -8.62
CA LEU A 39 9.80 4.46 -9.50
C LEU A 39 10.95 5.37 -9.03
N ILE A 40 12.17 5.09 -9.47
CA ILE A 40 13.32 5.87 -9.04
C ILE A 40 13.08 7.36 -9.40
N PRO A 41 13.12 8.27 -8.40
CA PRO A 41 12.93 9.69 -8.67
C PRO A 41 13.98 10.26 -9.63
N GLN A 42 13.52 11.21 -10.44
CA GLN A 42 14.23 11.94 -11.40
CA GLN A 42 14.29 11.82 -11.51
C GLN A 42 15.69 12.23 -11.09
N LYS A 43 15.77 12.92 -9.95
CA LYS A 43 16.99 13.60 -9.55
C LYS A 43 18.13 12.70 -9.07
N ILE A 44 17.85 11.42 -8.89
CA ILE A 44 18.89 10.47 -8.45
C ILE A 44 19.22 9.41 -9.52
N ARG A 45 18.62 9.56 -10.70
CA ARG A 45 18.76 8.57 -11.78
C ARG A 45 20.18 8.46 -12.36
N GLY A 46 21.00 9.49 -12.12
CA GLY A 46 22.38 9.52 -12.58
C GLY A 46 23.39 9.03 -11.58
N HIS A 47 22.94 8.74 -10.35
CA HIS A 47 23.82 8.20 -9.31
C HIS A 47 24.35 6.81 -9.70
N PRO A 48 25.65 6.57 -9.46
CA PRO A 48 26.31 5.28 -9.76
C PRO A 48 25.59 4.02 -9.25
N ALA A 49 25.01 4.07 -8.06
CA ALA A 49 24.27 2.92 -7.53
C ALA A 49 23.04 2.61 -8.38
N VAL A 50 22.41 3.66 -8.90
CA VAL A 50 21.25 3.52 -9.78
C VAL A 50 21.66 3.05 -11.17
N ARG A 51 22.73 3.64 -11.71
N ARG A 51 22.74 3.63 -11.70
CA ARG A 51 23.26 3.21 -13.01
CA ARG A 51 23.29 3.24 -12.99
C ARG A 51 23.72 1.75 -12.99
C ARG A 51 23.74 1.77 -12.99
N ALA A 52 24.34 1.34 -11.88
CA ALA A 52 24.77 -0.05 -11.70
C ALA A 52 23.60 -1.02 -11.69
N ASP A 53 22.53 -0.66 -10.97
CA ASP A 53 21.33 -1.50 -10.93
C ASP A 53 20.65 -1.56 -12.29
N ALA A 54 20.65 -0.44 -13.02
CA ALA A 54 20.09 -0.38 -14.36
C ALA A 54 20.78 -1.39 -15.28
N ILE A 55 22.11 -1.45 -15.20
CA ILE A 55 22.87 -2.44 -15.96
C ILE A 55 22.47 -3.87 -15.56
N ARG A 56 22.44 -4.15 -14.25
CA ARG A 56 22.08 -5.48 -13.76
C ARG A 56 20.67 -5.90 -14.17
N ARG A 57 19.73 -4.95 -14.15
CA ARG A 57 18.32 -5.20 -14.47
C ARG A 57 18.06 -5.22 -15.98
N GLY A 58 18.93 -4.56 -16.73
CA GLY A 58 18.77 -4.46 -18.18
C GLY A 58 17.63 -3.56 -18.59
N LYS A 59 17.43 -2.47 -17.85
CA LYS A 59 16.48 -1.41 -18.26
C LYS A 59 16.80 -0.06 -17.63
N ARG A 60 16.14 0.98 -18.15
CA ARG A 60 16.43 2.36 -17.77
C ARG A 60 16.02 2.66 -16.32
N PRO A 61 16.81 3.47 -15.60
CA PRO A 61 16.48 3.87 -14.22
C PRO A 61 15.05 4.33 -14.00
N GLU A 62 14.49 5.05 -14.97
CA GLU A 62 13.14 5.60 -14.84
C GLU A 62 12.04 4.55 -14.77
N LYS A 63 12.38 3.31 -15.16
CA LYS A 63 11.44 2.19 -15.17
C LYS A 63 11.55 1.28 -13.94
N ILE A 64 12.52 1.57 -13.08
CA ILE A 64 12.87 0.67 -11.97
C ILE A 64 12.22 1.14 -10.68
N LEU A 65 11.69 0.17 -9.92
CA LEU A 65 11.08 0.47 -8.62
C LEU A 65 12.17 0.78 -7.60
N LEU A 66 11.95 1.84 -6.83
CA LEU A 66 12.88 2.24 -5.78
C LEU A 66 12.88 1.23 -4.63
N ASP A 67 14.07 0.78 -4.26
CA ASP A 67 14.26 -0.31 -3.30
C ASP A 67 15.53 0.00 -2.55
N ASP A 68 15.39 0.33 -1.27
CA ASP A 68 16.57 0.78 -0.53
C ASP A 68 17.59 -0.31 -0.19
N SER A 69 17.27 -1.58 -0.49
CA SER A 69 18.28 -2.63 -0.39
C SER A 69 19.21 -2.64 -1.60
N LYS A 70 18.82 -1.89 -2.63
CA LYS A 70 19.65 -1.74 -3.84
C LYS A 70 20.13 -0.31 -4.04
N HIS A 71 19.31 0.65 -3.60
CA HIS A 71 19.52 2.04 -4.02
C HIS A 71 19.89 2.98 -2.87
N HIS A 72 20.16 2.42 -1.69
CA HIS A 72 20.40 3.21 -0.48
C HIS A 72 21.36 4.40 -0.70
N THR A 73 22.52 4.12 -1.28
CA THR A 73 23.54 5.16 -1.41
C THR A 73 23.12 6.31 -2.33
N ALA A 74 22.20 6.03 -3.26
CA ALA A 74 21.65 7.05 -4.16
C ALA A 74 20.53 7.88 -3.51
N MET A 75 20.03 7.45 -2.36
CA MET A 75 18.82 8.05 -1.78
C MET A 75 19.06 9.15 -0.76
N LYS A 76 20.33 9.50 -0.53
CA LYS A 76 20.70 10.43 0.54
C LYS A 76 20.00 11.79 0.44
N SER A 77 19.76 12.26 -0.78
CA SER A 77 19.18 13.59 -1.01
C SER A 77 17.65 13.64 -1.06
N LEU A 78 17.00 12.49 -0.93
CA LEU A 78 15.54 12.44 -1.05
C LEU A 78 14.82 13.03 0.17
N GLU A 79 13.71 13.72 -0.07
CA GLU A 79 12.81 14.15 1.01
C GLU A 79 12.05 12.95 1.59
N PHE A 80 11.61 13.08 2.84
CA PHE A 80 10.95 12.00 3.59
C PHE A 80 11.56 10.62 3.34
N ARG A 81 12.89 10.57 3.34
CA ARG A 81 13.60 9.38 2.90
C ARG A 81 13.30 8.17 3.77
N GLU A 82 13.03 8.41 5.06
CA GLU A 82 12.74 7.32 5.99
C GLU A 82 11.51 6.50 5.57
N LYS A 83 10.61 7.09 4.78
CA LYS A 83 9.41 6.38 4.31
C LYS A 83 9.61 5.59 3.02
N ARG A 84 10.75 5.78 2.35
CA ARG A 84 10.89 5.42 0.93
C ARG A 84 11.71 4.17 0.69
N GLY A 85 11.47 3.56 -0.47
CA GLY A 85 12.24 2.41 -0.94
C GLY A 85 11.93 1.10 -0.26
N ARG A 86 10.71 0.95 0.23
CA ARG A 86 10.32 -0.31 0.95
C ARG A 86 9.07 -1.00 0.42
N PRO A 87 9.12 -1.47 -0.85
CA PRO A 87 7.95 -2.15 -1.43
C PRO A 87 7.67 -3.51 -0.78
N ASP A 88 8.63 -4.02 0.00
CA ASP A 88 8.43 -5.30 0.68
C ASP A 88 7.27 -5.23 1.67
N ILE A 89 7.05 -4.05 2.24
CA ILE A 89 6.03 -3.96 3.29
C ILE A 89 4.64 -4.20 2.70
N VAL A 90 4.29 -3.45 1.66
CA VAL A 90 2.96 -3.63 1.09
C VAL A 90 2.84 -4.99 0.39
N HIS A 91 3.94 -5.52 -0.14
CA HIS A 91 3.93 -6.87 -0.74
C HIS A 91 3.37 -7.88 0.23
N GLN A 92 3.94 -7.92 1.43
CA GLN A 92 3.58 -8.99 2.37
C GLN A 92 2.18 -8.78 2.90
N CYS A 93 1.80 -7.52 3.13
CA CYS A 93 0.46 -7.25 3.63
C CYS A 93 -0.60 -7.64 2.62
N LEU A 94 -0.33 -7.33 1.36
CA LEU A 94 -1.26 -7.71 0.30
C LEU A 94 -1.37 -9.22 0.16
N LEU A 95 -0.23 -9.92 0.26
CA LEU A 95 -0.29 -11.38 0.16
C LEU A 95 -1.22 -11.95 1.21
N LEU A 96 -1.02 -11.55 2.46
CA LEU A 96 -1.84 -12.08 3.54
C LEU A 96 -3.31 -11.74 3.35
N LEU A 97 -3.59 -10.46 3.09
CA LEU A 97 -4.96 -10.04 2.95
C LEU A 97 -5.69 -10.79 1.83
N LEU A 98 -5.04 -10.91 0.67
CA LEU A 98 -5.70 -11.54 -0.46
C LEU A 98 -5.84 -13.06 -0.29
N ASP A 99 -5.05 -13.63 0.62
CA ASP A 99 -5.18 -15.07 0.98
C ASP A 99 -6.44 -15.37 1.80
N SER A 100 -7.10 -14.35 2.34
CA SER A 100 -8.32 -14.54 3.12
C SER A 100 -9.39 -15.25 2.29
N PRO A 101 -10.13 -16.18 2.92
CA PRO A 101 -11.25 -16.78 2.18
C PRO A 101 -12.48 -15.86 2.07
N LEU A 102 -12.47 -14.74 2.79
CA LEU A 102 -13.60 -13.83 2.77
C LEU A 102 -13.45 -12.87 1.59
N ARG A 103 -14.47 -12.79 0.76
CA ARG A 103 -14.39 -12.07 -0.52
C ARG A 103 -15.26 -10.81 -0.56
N ASP A 104 -15.70 -10.32 0.60
CA ASP A 104 -16.67 -9.20 0.72
C ASP A 104 -16.03 -7.84 0.87
N PHE A 105 -14.79 -7.73 0.40
CA PHE A 105 -14.10 -6.46 0.46
C PHE A 105 -13.29 -6.17 -0.80
N GLU A 106 -13.11 -4.88 -1.03
CA GLU A 106 -12.20 -4.38 -2.05
C GLU A 106 -10.85 -4.04 -1.42
N VAL A 107 -9.83 -3.92 -2.26
CA VAL A 107 -8.46 -3.63 -1.84
C VAL A 107 -7.86 -2.50 -2.63
N TYR A 108 -7.34 -1.50 -1.93
CA TYR A 108 -6.67 -0.38 -2.54
C TYR A 108 -5.30 -0.15 -1.93
N VAL A 109 -4.41 0.40 -2.74
CA VAL A 109 -3.12 0.84 -2.26
C VAL A 109 -2.99 2.31 -2.60
N HIS A 110 -2.77 3.15 -1.58
CA HIS A 110 -2.48 4.56 -1.74
C HIS A 110 -0.98 4.69 -1.57
N THR A 111 -0.30 5.29 -2.54
CA THR A 111 1.16 5.38 -2.46
C THR A 111 1.59 6.67 -1.76
N LEU A 112 2.88 6.73 -1.41
CA LEU A 112 3.49 7.92 -0.81
C LEU A 112 3.30 9.17 -1.65
N ASN A 113 3.15 8.98 -2.95
CA ASN A 113 2.99 10.10 -3.88
C ASN A 113 1.52 10.42 -4.19
N GLY A 114 0.62 9.75 -3.48
CA GLY A 114 -0.82 10.02 -3.57
C GLY A 114 -1.59 9.29 -4.66
N GLU A 115 -0.92 8.37 -5.36
CA GLU A 115 -1.59 7.60 -6.40
C GLU A 115 -2.47 6.52 -5.76
N ILE A 116 -3.53 6.14 -6.44
CA ILE A 116 -4.49 5.16 -5.97
C ILE A 116 -4.44 3.96 -6.92
N ILE A 117 -4.13 2.79 -6.36
CA ILE A 117 -4.13 1.54 -7.11
C ILE A 117 -5.23 0.65 -6.59
N TRP A 118 -6.07 0.17 -7.49
CA TRP A 118 -7.10 -0.78 -7.15
C TRP A 118 -6.58 -2.19 -7.48
N VAL A 119 -6.75 -3.12 -6.54
CA VAL A 119 -6.37 -4.52 -6.72
C VAL A 119 -7.63 -5.38 -6.68
N ASN A 120 -7.98 -6.00 -7.80
CA ASN A 120 -9.09 -6.92 -7.86
C ASN A 120 -8.96 -7.97 -6.77
N ARG A 121 -10.04 -8.22 -6.05
CA ARG A 121 -10.04 -9.14 -4.94
C ARG A 121 -9.56 -10.53 -5.38
N GLU A 122 -9.76 -10.85 -6.66
CA GLU A 122 -9.38 -12.17 -7.16
C GLU A 122 -7.94 -12.29 -7.70
N THR A 123 -7.18 -11.19 -7.62
CA THR A 123 -5.80 -11.19 -8.10
C THR A 123 -4.89 -12.09 -7.25
N ARG A 124 -4.10 -12.94 -7.92
CA ARG A 124 -3.05 -13.71 -7.26
C ARG A 124 -1.73 -13.00 -7.49
N LEU A 125 -1.22 -12.32 -6.47
CA LEU A 125 0.03 -11.59 -6.63
C LEU A 125 1.19 -12.56 -6.54
N PRO A 126 2.32 -12.24 -7.21
CA PRO A 126 3.52 -13.09 -7.05
C PRO A 126 3.94 -13.12 -5.59
N ARG A 127 4.22 -14.32 -5.10
CA ARG A 127 4.67 -14.51 -3.73
C ARG A 127 6.17 -14.22 -3.57
N ASN A 128 6.90 -14.36 -4.67
CA ASN A 128 8.30 -14.04 -4.68
C ASN A 128 8.44 -12.53 -4.84
N TYR A 129 9.23 -11.92 -3.95
CA TYR A 129 9.42 -10.48 -3.90
C TYR A 129 9.96 -9.90 -5.21
N ASN A 130 10.92 -10.58 -5.83
CA ASN A 130 11.52 -10.03 -7.05
C ASN A 130 10.51 -10.04 -8.19
N ARG A 131 9.66 -11.07 -8.24
CA ARG A 131 8.60 -11.13 -9.23
C ARG A 131 7.53 -10.06 -8.93
N PHE A 132 7.26 -9.80 -7.66
CA PHE A 132 6.35 -8.72 -7.30
C PHE A 132 6.88 -7.37 -7.78
N VAL A 133 8.17 -7.12 -7.54
CA VAL A 133 8.78 -5.88 -7.97
C VAL A 133 8.63 -5.72 -9.49
N GLY A 134 8.86 -6.78 -10.24
CA GLY A 134 8.73 -6.71 -11.69
C GLY A 134 7.31 -6.39 -12.11
N LEU A 135 6.34 -6.97 -11.41
CA LEU A 135 4.94 -6.72 -11.72
C LEU A 135 4.56 -5.26 -11.40
N MET A 136 5.07 -4.74 -10.30
CA MET A 136 4.84 -3.33 -9.96
C MET A 136 5.47 -2.39 -10.98
N GLU A 137 6.67 -2.72 -11.44
CA GLU A 137 7.29 -1.94 -12.54
C GLU A 137 6.42 -1.94 -13.78
N LYS A 138 5.89 -3.10 -14.14
CA LYS A 138 5.00 -3.19 -15.28
C LYS A 138 3.72 -2.37 -15.05
N LEU A 139 3.15 -2.43 -13.86
CA LEU A 139 1.99 -1.65 -13.52
C LEU A 139 2.25 -0.14 -13.69
N PHE A 140 3.40 0.35 -13.22
CA PHE A 140 3.70 1.77 -13.35
C PHE A 140 3.87 2.20 -14.81
N GLU A 141 4.35 1.27 -15.63
CA GLU A 141 4.57 1.52 -17.06
C GLU A 141 3.28 1.46 -17.86
N GLU A 142 2.50 0.39 -17.68
CA GLU A 142 1.30 0.11 -18.49
C GLU A 142 0.01 0.63 -17.87
N ARG A 143 0.05 0.93 -16.57
CA ARG A 143 -1.07 1.55 -15.79
C ARG A 143 -2.18 0.59 -15.42
N ARG A 144 -2.16 -0.61 -16.02
N ARG A 144 -2.13 -0.61 -16.00
CA ARG A 144 -3.13 -1.65 -15.69
CA ARG A 144 -3.10 -1.64 -15.74
C ARG A 144 -2.60 -3.03 -16.03
C ARG A 144 -2.39 -2.99 -15.85
N ILE A 145 -2.97 -3.99 -15.18
CA ILE A 145 -2.61 -5.40 -15.34
C ILE A 145 -3.92 -6.12 -15.56
N THR A 146 -4.01 -6.97 -16.60
CA THR A 146 -5.29 -7.57 -16.96
C THR A 146 -5.22 -9.08 -17.17
N ALA A 147 -6.34 -9.74 -16.93
CA ALA A 147 -6.57 -11.13 -17.30
C ALA A 147 -7.53 -11.07 -18.49
N GLY A 148 -6.96 -10.91 -19.68
CA GLY A 148 -7.77 -10.69 -20.87
C GLY A 148 -8.57 -9.41 -20.69
N ASP A 149 -9.90 -9.52 -20.77
CA ASP A 149 -10.81 -8.38 -20.62
C ASP A 149 -11.02 -7.92 -19.17
N THR A 150 -10.55 -8.71 -18.20
CA THR A 150 -10.77 -8.41 -16.79
C THR A 150 -9.57 -7.67 -16.20
N THR A 151 -9.83 -6.56 -15.51
CA THR A 151 -8.77 -5.82 -14.85
C THR A 151 -8.42 -6.47 -13.53
N LEU A 152 -7.13 -6.71 -13.33
CA LEU A 152 -6.60 -7.27 -12.09
C LEU A 152 -6.04 -6.19 -11.16
N ILE A 153 -5.30 -5.25 -11.74
CA ILE A 153 -4.69 -4.16 -10.98
C ILE A 153 -4.68 -2.94 -11.87
N GLU A 154 -5.06 -1.78 -11.34
N GLU A 154 -5.09 -1.78 -11.35
CA GLU A 154 -5.09 -0.56 -12.15
CA GLU A 154 -4.93 -0.55 -12.13
C GLU A 154 -4.99 0.72 -11.32
C GLU A 154 -4.86 0.68 -11.26
N PHE A 155 -4.24 1.71 -11.82
CA PHE A 155 -4.30 3.07 -11.24
C PHE A 155 -5.67 3.66 -11.49
N LYS A 156 -6.22 4.32 -10.48
CA LYS A 156 -7.50 5.02 -10.66
C LYS A 156 -7.28 6.53 -10.64
N ASP A 157 -7.99 7.27 -11.49
CA ASP A 157 -7.83 8.72 -11.58
C ASP A 157 -8.71 9.43 -10.54
N VAL A 158 -8.51 9.03 -9.29
CA VAL A 158 -9.21 9.62 -8.15
C VAL A 158 -8.21 9.78 -7.01
N GLY A 159 -8.65 10.38 -5.93
CA GLY A 159 -7.81 10.54 -4.76
C GLY A 159 -8.27 9.66 -3.63
N LEU A 160 -7.48 9.67 -2.56
CA LEU A 160 -7.80 8.94 -1.37
C LEU A 160 -9.20 9.28 -0.85
N ARG A 161 -9.58 10.56 -0.92
CA ARG A 161 -10.90 10.97 -0.42
C ARG A 161 -12.05 10.24 -1.14
N ASP A 162 -11.82 9.86 -2.39
CA ASP A 162 -12.86 9.26 -3.18
C ASP A 162 -13.07 7.78 -2.89
N ILE A 163 -12.00 7.07 -2.51
CA ILE A 163 -12.18 5.63 -2.28
C ILE A 163 -12.75 5.30 -0.89
N VAL A 164 -12.72 6.28 0.01
CA VAL A 164 -13.34 6.12 1.32
C VAL A 164 -14.76 6.70 1.41
N ARG A 165 -15.26 7.26 0.31
CA ARG A 165 -16.68 7.67 0.22
C ARG A 165 -17.60 6.51 0.55
N GLY A 166 -18.59 6.76 1.40
CA GLY A 166 -19.63 5.77 1.70
C GLY A 166 -19.23 4.65 2.63
N ARG A 167 -18.04 4.77 3.22
CA ARG A 167 -17.54 3.75 4.13
C ARG A 167 -17.10 4.43 5.41
N ASP A 168 -17.26 3.76 6.54
CA ASP A 168 -16.76 4.23 7.86
C ASP A 168 -15.24 4.01 7.92
N VAL A 169 -14.47 5.08 7.93
CA VAL A 169 -13.01 4.98 7.94
C VAL A 169 -12.49 4.63 9.31
N LEU A 170 -11.73 3.54 9.38
CA LEU A 170 -11.06 3.12 10.61
C LEU A 170 -9.57 3.23 10.38
N LEU A 171 -8.92 4.20 11.01
CA LEU A 171 -7.50 4.42 10.83
C LEU A 171 -6.76 3.77 11.99
N PHE A 172 -5.93 2.78 11.68
CA PHE A 172 -5.19 2.10 12.72
C PHE A 172 -3.92 2.87 13.02
N ARG A 173 -3.81 3.37 14.26
CA ARG A 173 -2.60 4.04 14.73
C ARG A 173 -2.47 3.78 16.22
N GLU A 174 -1.21 3.75 16.67
CA GLU A 174 -0.88 3.52 18.07
C GLU A 174 -1.59 4.49 19.01
N LYS A 175 -1.69 5.76 18.62
CA LYS A 175 -2.28 6.79 19.49
C LYS A 175 -3.81 6.79 19.53
N GLY A 176 -4.42 5.88 18.77
CA GLY A 176 -5.88 5.79 18.70
C GLY A 176 -6.55 5.20 19.93
N GLY A 177 -7.84 4.95 19.80
CA GLY A 177 -8.66 4.53 20.94
C GLY A 177 -8.96 3.04 21.01
N ARG A 178 -9.64 2.66 22.09
CA ARG A 178 -9.98 1.28 22.36
C ARG A 178 -11.45 1.04 22.08
N PHE A 179 -11.72 0.10 21.17
CA PHE A 179 -13.08 -0.14 20.70
C PHE A 179 -13.38 -1.63 20.56
N GLU A 180 -14.66 -1.98 20.66
CA GLU A 180 -15.14 -3.33 20.41
C GLU A 180 -15.24 -3.56 18.90
N PHE A 181 -14.63 -4.64 18.41
CA PHE A 181 -14.57 -4.90 16.97
C PHE A 181 -15.92 -5.22 16.34
N SER A 182 -16.81 -5.86 17.09
CA SER A 182 -18.16 -6.15 16.62
C SER A 182 -18.92 -4.86 16.33
N GLU A 183 -18.57 -3.79 17.05
CA GLU A 183 -19.13 -2.47 16.80
C GLU A 183 -18.39 -1.76 15.66
N LEU A 184 -17.07 -1.87 15.67
CA LEU A 184 -16.20 -1.21 14.69
C LEU A 184 -16.44 -1.71 13.27
N LEU A 185 -16.48 -3.04 13.13
CA LEU A 185 -16.59 -3.68 11.82
C LEU A 185 -18.03 -4.08 11.55
N ASP A 186 -18.93 -3.13 11.80
CA ASP A 186 -20.33 -3.33 11.55
C ASP A 186 -20.58 -3.19 10.07
N GLY A 187 -21.07 -2.02 9.63
CA GLY A 187 -21.48 -1.79 8.24
C GLY A 187 -20.33 -1.78 7.26
N ASP A 188 -20.45 -0.96 6.21
CA ASP A 188 -19.38 -0.78 5.23
C ASP A 188 -18.24 0.01 5.87
N VAL A 189 -17.07 -0.61 5.99
CA VAL A 189 -15.91 0.06 6.61
C VAL A 189 -14.75 0.18 5.63
N ALA A 190 -13.88 1.17 5.85
CA ALA A 190 -12.59 1.26 5.16
C ALA A 190 -11.52 1.12 6.21
N VAL A 191 -10.86 -0.04 6.22
CA VAL A 191 -9.78 -0.34 7.16
C VAL A 191 -8.50 0.22 6.57
N CYS A 192 -7.88 1.18 7.26
CA CYS A 192 -6.73 1.91 6.75
C CYS A 192 -5.50 1.66 7.60
N ILE A 193 -4.49 1.09 6.96
CA ILE A 193 -3.27 0.69 7.64
C ILE A 193 -2.07 1.25 6.88
N GLY A 194 -1.15 1.91 7.58
CA GLY A 194 0.04 2.42 6.92
C GLY A 194 0.91 1.29 6.39
N ALA A 195 1.56 1.52 5.26
CA ALA A 195 2.45 0.54 4.64
C ALA A 195 3.83 1.12 4.37
N PHE A 196 4.34 1.87 5.32
CA PHE A 196 5.65 2.51 5.23
C PHE A 196 6.40 2.19 6.53
N PRO A 197 7.74 2.23 6.50
CA PRO A 197 8.47 1.73 7.68
C PRO A 197 8.68 2.68 8.88
N HIS A 198 8.71 3.99 8.63
CA HIS A 198 9.09 4.97 9.65
C HIS A 198 8.29 6.24 9.50
N GLY A 199 8.23 7.02 10.58
CA GLY A 199 7.55 8.32 10.55
C GLY A 199 6.07 8.21 10.81
N ASP A 200 5.38 9.34 10.64
CA ASP A 200 3.96 9.44 10.89
C ASP A 200 3.27 9.76 9.57
N PHE A 201 1.95 9.57 9.52
CA PHE A 201 1.19 9.93 8.32
C PHE A 201 1.39 11.39 7.95
N PHE A 202 1.49 11.67 6.65
CA PHE A 202 1.40 13.06 6.18
C PHE A 202 0.09 13.67 6.63
N GLU A 203 0.13 14.96 6.94
CA GLU A 203 -1.11 15.67 7.25
C GLU A 203 -2.12 15.60 6.10
N GLU A 204 -1.62 15.70 4.87
N GLU A 204 -1.62 15.68 4.86
CA GLU A 204 -2.49 15.59 3.69
CA GLU A 204 -2.47 15.58 3.69
C GLU A 204 -3.27 14.26 3.67
C GLU A 204 -3.27 14.27 3.64
N THR A 205 -2.61 13.16 3.99
CA THR A 205 -3.26 11.86 4.03
C THR A 205 -4.43 11.86 5.01
N LEU A 206 -4.19 12.38 6.21
CA LEU A 206 -5.24 12.44 7.21
C LEU A 206 -6.41 13.34 6.79
N ARG A 207 -6.09 14.47 6.15
CA ARG A 207 -7.15 15.32 5.63
C ARG A 207 -8.00 14.61 4.58
N GLU A 208 -7.36 13.85 3.70
CA GLU A 208 -8.10 13.09 2.69
C GLU A 208 -9.09 12.07 3.25
N LEU A 209 -8.83 11.55 4.45
CA LEU A 209 -9.69 10.54 5.00
C LEU A 209 -11.09 11.03 5.39
N GLY A 210 -11.21 12.35 5.60
CA GLY A 210 -12.49 12.93 6.04
C GLY A 210 -12.81 12.49 7.46
N GLU A 211 -14.05 12.10 7.70
CA GLU A 211 -14.46 11.56 9.00
C GLU A 211 -13.73 10.24 9.20
N PHE A 212 -13.12 10.07 10.37
CA PHE A 212 -12.52 8.78 10.70
C PHE A 212 -12.44 8.55 12.18
N LYS A 213 -12.30 7.28 12.55
CA LYS A 213 -12.08 6.86 13.92
C LYS A 213 -10.69 6.26 14.00
N GLU A 214 -9.91 6.68 14.99
CA GLU A 214 -8.55 6.15 15.17
C GLU A 214 -8.58 5.02 16.15
N VAL A 215 -8.03 3.88 15.72
CA VAL A 215 -8.10 2.64 16.49
C VAL A 215 -6.70 2.13 16.83
N SER A 216 -6.46 1.92 18.11
CA SER A 216 -5.20 1.38 18.57
C SER A 216 -5.35 -0.10 18.94
N LEU A 217 -4.33 -0.89 18.64
CA LEU A 217 -4.30 -2.29 19.04
C LEU A 217 -3.55 -2.49 20.37
N GLY A 218 -2.77 -1.48 20.77
CA GLY A 218 -1.98 -1.58 21.99
C GLY A 218 -0.97 -0.46 22.15
N THR A 219 -0.22 -0.53 23.26
CA THR A 219 0.69 0.52 23.71
C THR A 219 2.08 0.51 23.05
N GLU A 220 2.21 -0.21 21.93
CA GLU A 220 3.49 -0.40 21.24
C GLU A 220 3.28 -0.14 19.75
N SER A 221 4.37 0.18 19.05
CA SER A 221 4.37 0.29 17.58
C SER A 221 4.52 -1.10 16.96
N TYR A 222 3.50 -1.54 16.22
CA TYR A 222 3.54 -2.85 15.55
C TYR A 222 3.87 -2.69 14.07
N THR A 223 4.26 -3.77 13.43
CA THR A 223 4.56 -3.73 12.01
C THR A 223 3.26 -3.71 11.21
N SER A 224 3.34 -3.20 9.97
CA SER A 224 2.20 -3.24 9.08
C SER A 224 1.65 -4.66 8.91
N LEU A 225 2.55 -5.64 8.79
CA LEU A 225 2.13 -7.03 8.59
C LEU A 225 1.36 -7.56 9.80
N TYR A 226 1.86 -7.26 10.99
CA TYR A 226 1.16 -7.70 12.18
C TYR A 226 -0.22 -7.05 12.34
N VAL A 227 -0.30 -5.74 12.07
CA VAL A 227 -1.57 -5.03 12.14
C VAL A 227 -2.56 -5.58 11.12
N THR A 228 -2.06 -5.82 9.91
CA THR A 228 -2.90 -6.45 8.88
C THR A 228 -3.45 -7.80 9.36
N SER A 229 -2.55 -8.62 9.92
CA SER A 229 -2.94 -9.93 10.43
C SER A 229 -4.01 -9.83 11.53
N ARG A 230 -3.76 -8.99 12.54
CA ARG A 230 -4.70 -8.87 13.64
C ARG A 230 -6.04 -8.31 13.19
N VAL A 231 -6.01 -7.27 12.36
CA VAL A 231 -7.27 -6.69 11.91
C VAL A 231 -8.05 -7.64 11.01
N LEU A 232 -7.36 -8.35 10.12
CA LEU A 232 -8.01 -9.33 9.28
C LEU A 232 -8.68 -10.41 10.12
N CYS A 233 -7.98 -10.88 11.13
CA CYS A 233 -8.59 -11.89 11.98
C CYS A 233 -9.86 -11.40 12.68
N GLU A 234 -9.83 -10.17 13.20
CA GLU A 234 -11.01 -9.59 13.85
C GLU A 234 -12.15 -9.38 12.84
N TYR A 235 -11.77 -8.95 11.64
CA TYR A 235 -12.72 -8.74 10.56
C TYR A 235 -13.43 -10.03 10.18
N GLU A 236 -12.66 -11.10 10.02
CA GLU A 236 -13.24 -12.41 9.69
C GLU A 236 -14.12 -12.93 10.83
N ARG A 237 -13.69 -12.76 12.09
CA ARG A 237 -14.50 -13.18 13.25
C ARG A 237 -15.91 -12.63 13.17
N VAL A 238 -16.01 -11.34 12.89
CA VAL A 238 -17.29 -10.63 12.85
C VAL A 238 -18.10 -10.97 11.61
N ARG A 239 -17.44 -11.06 10.46
CA ARG A 239 -18.08 -10.93 9.13
C ARG A 239 -18.23 -12.19 8.30
N ALA A 240 -17.36 -13.16 8.52
CA ALA A 240 -17.43 -14.43 7.77
C ALA A 240 -18.67 -15.27 8.07
N HIS A 241 -19.13 -15.32 9.22
CA HIS A 241 -18.60 -14.62 10.41
C HIS A 241 -17.42 -15.37 11.01
N TYR B . -5.35 -5.11 23.72
CA TYR B . -5.24 -3.96 24.67
C TYR B . -5.79 -4.36 26.03
O TYR B . -6.69 -5.20 26.14
CB TYR B . -6.01 -2.75 24.13
CG TYR B . -5.33 -1.41 24.30
CD1 TYR B . -4.85 -1.00 25.55
CD2 TYR B . -5.17 -0.54 23.22
CE1 TYR B . -4.23 0.23 25.72
CE2 TYR B . -4.55 0.71 23.38
CZ TYR B . -4.08 1.08 24.63
OH TYR B . -3.46 2.30 24.80
OXT TYR B . -5.34 -3.87 27.08
N SAH C . 4.13 5.27 12.64
CA SAH C . 5.00 4.06 12.73
CB SAH C . 5.52 3.69 11.35
CG SAH C . 4.53 2.87 10.53
SD SAH C . 4.04 1.32 11.35
C SAH C . 6.14 4.25 13.73
O SAH C . 6.22 5.26 14.41
C5' SAH C . 2.85 0.60 10.18
C4' SAH C . 1.37 0.85 10.44
O4' SAH C . 0.85 -0.03 11.42
C3' SAH C . 1.02 2.23 10.98
O3' SAH C . 1.04 3.21 9.96
C2' SAH C . -0.34 1.99 11.55
O2' SAH C . -1.33 1.98 10.51
C1' SAH C . -0.23 0.57 12.11
N9 SAH C . 0.06 0.47 13.56
C8 SAH C . 1.30 0.38 14.15
N7 SAH C . 1.14 0.25 15.49
C5 SAH C . -0.19 0.24 15.75
C6 SAH C . -0.92 0.14 16.94
N6 SAH C . -0.31 0.02 18.13
N1 SAH C . -2.30 0.15 16.88
C2 SAH C . -2.95 0.28 15.67
N3 SAH C . -2.22 0.39 14.51
C4 SAH C . -0.87 0.39 14.55
#